data_5LWB
#
_entry.id   5LWB
#
_cell.length_a   142.360
_cell.length_b   142.360
_cell.length_c   151.540
_cell.angle_alpha   90.000
_cell.angle_beta   90.000
_cell.angle_gamma   120.000
#
_symmetry.space_group_name_H-M   'P 65 2 2'
#
loop_
_entity.id
_entity.type
_entity.pdbx_description
1 polymer 'Lysine-specific demethylase 5B,Lysine-specific demethylase 5B,Lysine-specific demethylase 5B'
2 non-polymer 'ZINC ION'
3 non-polymer 'MANGANESE (II) ION'
4 non-polymer 1,2-ETHANEDIOL
5 non-polymer 'DIMETHYL SULFOXIDE'
6 non-polymer 5-[1-[2-(dimethylamino)ethyl]pyrazol-4-yl]-7-oxidanylidene-6-propan-2-yl-6~{H}-pyrazolo[1,5-a]pyrimidine-3-carbonitrile
7 water water
#
_entity_poly.entity_id   1
_entity_poly.type   'polypeptide(L)'
_entity_poly.pdbx_seq_one_letter_code
;SMFLPPPECPVFEPSWEEFADPFAFIHKIRPIAEQTGICKVRPPPDWQPPFACDVDKLHFTPRIQRLNELEAQTRVKLGG
GGARDYTLRTFGEMADAFKSDYFNMPVHMVPTELVEKEFWRLVSTIEEDVTVEYGADIASKEFGSGFPVRDGKIKLSPEE
EEYLDSGWNLNNMPVMEQSVLAHITADICGMKLPWLYVGMCFSSFCWHIEDHWSYSINYLHWGEPKTWYGVPGYAAEQLE
NVMKKLAPELFVSQPDLLHQLVTIMNPNTLMTHEVPVYRTNQCAGEFVITFPRAYHSGFNQGFNFAEAVNFCTVDWLPLG
RQCVEHYRLLHRYCVFSHDEMICKMASKADVLDVVVASTVQKDMAIMIEDEKALRETVRKLGVIDSERMDFELLPDDERQ
CVKCKTTCFMSAISCSCKPGLLVCLHHVKELCSCPPYKYKLRYRYTLDDLYPMMNALKLRAESYNEWALNVNEALEAKIN
K
;
_entity_poly.pdbx_strand_id   A
#
# COMPACT_ATOMS: atom_id res chain seq x y z
N MET A 2 23.53 -12.61 17.85
CA MET A 2 23.63 -13.50 16.70
C MET A 2 22.39 -13.52 15.78
N PHE A 3 22.62 -13.41 14.48
CA PHE A 3 21.53 -13.31 13.50
C PHE A 3 21.56 -14.42 12.47
N LEU A 4 20.43 -15.10 12.27
CA LEU A 4 20.36 -16.10 11.22
C LEU A 4 19.47 -15.61 10.07
N PRO A 5 20.08 -15.30 8.92
CA PRO A 5 19.36 -14.79 7.75
C PRO A 5 18.27 -15.75 7.34
N PRO A 6 17.06 -15.23 7.16
CA PRO A 6 15.95 -15.96 6.56
C PRO A 6 16.32 -16.55 5.20
N PRO A 7 15.62 -17.61 4.79
CA PRO A 7 15.83 -18.12 3.43
C PRO A 7 15.54 -17.05 2.36
N GLU A 8 16.24 -17.12 1.24
CA GLU A 8 16.00 -16.20 0.14
C GLU A 8 14.59 -16.33 -0.44
N CYS A 9 13.97 -15.19 -0.77
CA CYS A 9 12.68 -15.21 -1.46
C CYS A 9 12.91 -15.60 -2.93
N PRO A 10 11.83 -15.95 -3.66
CA PRO A 10 11.92 -16.26 -5.09
C PRO A 10 12.48 -15.11 -5.95
N VAL A 11 13.36 -15.43 -6.89
CA VAL A 11 13.87 -14.45 -7.84
C VAL A 11 13.54 -14.85 -9.26
N PHE A 12 12.87 -13.95 -9.99
CA PHE A 12 12.46 -14.24 -11.35
C PHE A 12 13.26 -13.48 -12.40
N GLU A 13 13.57 -14.16 -13.49
CA GLU A 13 14.28 -13.54 -14.61
C GLU A 13 13.51 -13.76 -15.90
N PRO A 14 12.40 -13.02 -16.06
CA PRO A 14 11.53 -13.22 -17.22
C PRO A 14 12.20 -12.88 -18.54
N SER A 15 11.82 -13.59 -19.59
CA SER A 15 12.25 -13.28 -20.95
C SER A 15 11.52 -12.01 -21.38
N TRP A 16 11.91 -11.42 -22.50
CA TRP A 16 11.23 -10.21 -22.94
C TRP A 16 9.76 -10.52 -23.24
N GLU A 17 9.49 -11.71 -23.77
CA GLU A 17 8.11 -12.13 -24.01
C GLU A 17 7.30 -12.14 -22.71
N GLU A 18 7.86 -12.73 -21.66
CA GLU A 18 7.18 -12.78 -20.37
C GLU A 18 7.08 -11.41 -19.73
N PHE A 19 8.16 -10.65 -19.87
CA PHE A 19 8.30 -9.34 -19.22
C PHE A 19 7.40 -8.28 -19.84
N ALA A 20 7.09 -8.43 -21.12
CA ALA A 20 6.27 -7.48 -21.87
C ALA A 20 5.08 -6.95 -21.07
N ASP A 21 4.15 -7.84 -20.73
CA ASP A 21 2.99 -7.46 -19.94
C ASP A 21 3.21 -7.75 -18.44
N PRO A 22 3.34 -6.68 -17.64
CA PRO A 22 3.60 -6.86 -16.21
C PRO A 22 2.45 -7.56 -15.46
N PHE A 23 1.21 -7.26 -15.84
CA PHE A 23 0.09 -7.86 -15.14
C PHE A 23 -0.02 -9.35 -15.43
N ALA A 24 0.30 -9.75 -16.66
CA ALA A 24 0.27 -11.16 -17.00
C ALA A 24 1.41 -11.91 -16.31
N PHE A 25 2.58 -11.27 -16.23
CA PHE A 25 3.73 -11.88 -15.57
C PHE A 25 3.50 -12.10 -14.06
N ILE A 26 2.89 -11.11 -13.42
CA ILE A 26 2.59 -11.17 -11.99
C ILE A 26 1.60 -12.31 -11.71
N HIS A 27 0.56 -12.38 -12.53
CA HIS A 27 -0.45 -13.43 -12.44
C HIS A 27 0.19 -14.82 -12.57
N LYS A 28 1.19 -14.95 -13.44
CA LYS A 28 1.86 -16.23 -13.62
C LYS A 28 2.70 -16.63 -12.40
N ILE A 29 3.41 -15.66 -11.82
CA ILE A 29 4.26 -15.97 -10.67
C ILE A 29 3.49 -15.99 -9.33
N ARG A 30 2.24 -15.53 -9.31
CA ARG A 30 1.45 -15.48 -8.08
C ARG A 30 1.41 -16.81 -7.27
N PRO A 31 1.26 -17.96 -7.95
CA PRO A 31 1.33 -19.22 -7.19
C PRO A 31 2.59 -19.42 -6.36
N ILE A 32 3.75 -19.10 -6.91
CA ILE A 32 5.01 -19.19 -6.16
C ILE A 32 5.13 -18.04 -5.17
N ALA A 33 5.06 -16.81 -5.69
CA ALA A 33 5.40 -15.62 -4.91
C ALA A 33 4.46 -15.36 -3.73
N GLU A 34 3.19 -15.75 -3.82
CA GLU A 34 2.27 -15.45 -2.75
C GLU A 34 2.48 -16.38 -1.56
N GLN A 35 3.39 -17.33 -1.70
CA GLN A 35 3.72 -18.26 -0.63
C GLN A 35 4.87 -17.69 0.17
N THR A 36 5.47 -16.63 -0.36
CA THR A 36 6.60 -15.99 0.29
C THR A 36 6.32 -14.53 0.56
N GLY A 37 5.22 -14.03 0.05
CA GLY A 37 4.83 -12.63 0.23
C GLY A 37 5.55 -11.60 -0.62
N ILE A 38 6.87 -11.77 -0.76
CA ILE A 38 7.67 -10.93 -1.64
C ILE A 38 8.43 -11.76 -2.65
N CYS A 39 8.76 -11.14 -3.76
CA CYS A 39 9.66 -11.73 -4.72
C CYS A 39 10.46 -10.63 -5.41
N LYS A 40 11.51 -11.04 -6.09
CA LYS A 40 12.38 -10.12 -6.79
C LYS A 40 12.30 -10.41 -8.29
N VAL A 41 12.29 -9.36 -9.10
CA VAL A 41 12.21 -9.50 -10.55
C VAL A 41 13.39 -8.80 -11.24
N ARG A 42 14.25 -9.59 -11.89
CA ARG A 42 15.33 -9.05 -12.73
C ARG A 42 14.82 -8.87 -14.16
N PRO A 43 14.67 -7.62 -14.60
CA PRO A 43 14.23 -7.37 -15.98
C PRO A 43 15.24 -7.95 -16.98
N PRO A 44 14.81 -8.24 -18.22
CA PRO A 44 15.75 -8.62 -19.28
C PRO A 44 16.89 -7.62 -19.37
N PRO A 45 18.10 -8.06 -19.70
CA PRO A 45 19.30 -7.21 -19.57
C PRO A 45 19.22 -6.01 -20.51
N ASP A 46 18.52 -6.24 -21.62
CA ASP A 46 18.22 -5.20 -22.60
C ASP A 46 17.39 -4.06 -22.00
N TRP A 47 16.47 -4.38 -21.10
CA TRP A 47 15.63 -3.37 -20.44
C TRP A 47 16.41 -2.54 -19.42
N GLN A 48 16.64 -1.28 -19.74
CA GLN A 48 17.37 -0.39 -18.84
C GLN A 48 16.96 1.05 -19.05
N PRO A 49 16.04 1.52 -18.22
CA PRO A 49 15.49 2.87 -18.34
C PRO A 49 16.55 3.89 -17.95
N PRO A 50 16.55 5.03 -18.63
CA PRO A 50 17.66 5.96 -18.45
C PRO A 50 17.48 6.79 -17.20
N PHE A 51 18.50 6.85 -16.37
N PHE A 51 18.51 6.87 -16.37
CA PHE A 51 18.42 7.76 -15.25
CA PHE A 51 18.47 7.71 -15.17
C PHE A 51 19.35 8.96 -15.44
C PHE A 51 19.35 8.97 -15.36
N ALA A 52 18.73 10.06 -15.79
CA ALA A 52 19.42 11.33 -15.97
C ALA A 52 18.97 12.27 -14.87
N CYS A 53 19.93 12.96 -14.27
CA CYS A 53 19.69 13.62 -13.01
C CYS A 53 20.86 14.50 -12.55
N ASP A 54 20.56 15.76 -12.27
CA ASP A 54 21.56 16.66 -11.69
C ASP A 54 21.40 16.74 -10.16
N VAL A 55 22.36 16.18 -9.43
CA VAL A 55 22.19 15.98 -8.00
C VAL A 55 22.15 17.27 -7.20
N ASP A 56 22.47 18.39 -7.86
CA ASP A 56 22.52 19.70 -7.22
C ASP A 56 21.18 20.46 -7.28
N LYS A 57 20.30 20.07 -8.19
CA LYS A 57 19.02 20.76 -8.30
C LYS A 57 17.91 19.93 -7.65
N LEU A 58 18.20 18.66 -7.35
CA LEU A 58 17.25 17.84 -6.59
C LEU A 58 17.33 18.16 -5.10
N HIS A 59 16.20 18.60 -4.54
N HIS A 59 16.23 18.58 -4.50
CA HIS A 59 16.08 19.03 -3.14
CA HIS A 59 16.25 18.85 -3.07
C HIS A 59 15.00 18.20 -2.45
C HIS A 59 14.99 18.35 -2.41
N PHE A 60 15.13 17.97 -1.14
CA PHE A 60 14.04 17.38 -0.36
C PHE A 60 14.25 17.57 1.14
N THR A 61 13.16 17.49 1.90
CA THR A 61 13.27 17.63 3.35
C THR A 61 13.53 16.28 4.01
N PRO A 62 14.68 16.13 4.67
CA PRO A 62 14.97 14.84 5.30
C PRO A 62 14.04 14.51 6.46
N ARG A 63 13.87 13.22 6.74
CA ARG A 63 13.17 12.80 7.94
C ARG A 63 14.17 12.09 8.82
N ILE A 64 14.05 12.25 10.13
CA ILE A 64 14.99 11.68 11.07
C ILE A 64 14.40 10.43 11.70
N GLN A 65 15.26 9.46 11.97
CA GLN A 65 14.82 8.15 12.41
C GLN A 65 15.78 7.58 13.42
N ARG A 66 15.27 7.23 14.61
CA ARG A 66 16.04 6.49 15.62
C ARG A 66 15.88 4.99 15.36
N LEU A 67 16.88 4.20 15.71
CA LEU A 67 16.88 2.80 15.32
C LEU A 67 16.84 1.85 16.53
N ASN A 68 15.64 1.69 17.08
CA ASN A 68 15.43 0.87 18.27
C ASN A 68 14.38 -0.19 18.07
N GLU A 69 14.78 -1.44 18.17
CA GLU A 69 13.83 -2.52 18.02
C GLU A 69 12.66 -2.36 19.01
N LEU A 70 11.45 -2.50 18.46
CA LEU A 70 10.18 -2.52 19.19
C LEU A 70 9.69 -1.13 19.58
N GLU A 71 10.48 -0.11 19.26
CA GLU A 71 10.06 1.27 19.53
C GLU A 71 9.06 1.73 18.48
N ALA A 72 8.01 2.41 18.91
CA ALA A 72 6.95 2.86 18.00
C ALA A 72 7.44 3.97 17.07
N GLN A 73 6.93 3.95 15.84
CA GLN A 73 7.25 4.95 14.83
C GLN A 73 5.97 5.23 14.04
N THR A 74 5.79 6.45 13.57
CA THR A 74 4.62 6.76 12.74
C THR A 74 4.94 6.46 11.28
N ARG A 75 3.89 6.14 10.53
CA ARG A 75 4.07 5.82 9.11
C ARG A 75 3.76 7.01 8.22
N VAL A 76 3.54 8.15 8.85
CA VAL A 76 3.05 9.36 8.19
C VAL A 76 3.90 9.74 6.99
N ARG A 84 14.73 21.89 7.79
CA ARG A 84 15.94 21.28 7.26
C ARG A 84 15.75 20.95 5.77
N ASP A 85 16.83 20.93 4.98
CA ASP A 85 16.74 20.59 3.54
C ASP A 85 18.08 20.14 2.90
N TYR A 86 18.05 19.02 2.19
CA TYR A 86 19.24 18.52 1.50
C TYR A 86 19.10 18.64 0.00
N THR A 87 20.22 18.82 -0.69
CA THR A 87 20.23 18.43 -2.08
C THR A 87 20.59 16.96 -2.11
N LEU A 88 20.25 16.30 -3.21
CA LEU A 88 20.68 14.94 -3.46
C LEU A 88 22.20 14.81 -3.32
N ARG A 89 22.97 15.83 -3.70
CA ARG A 89 24.41 15.76 -3.52
C ARG A 89 24.83 15.76 -2.04
N THR A 90 24.27 16.68 -1.25
CA THR A 90 24.73 16.86 0.13
C THR A 90 24.28 15.69 1.01
N PHE A 91 23.08 15.18 0.74
CA PHE A 91 22.59 14.00 1.39
C PHE A 91 23.54 12.85 1.10
N GLY A 92 23.79 12.66 -0.21
CA GLY A 92 24.68 11.61 -0.68
C GLY A 92 26.03 11.68 -0.01
N GLU A 93 26.52 12.89 0.17
CA GLU A 93 27.84 13.09 0.76
C GLU A 93 27.75 12.77 2.25
N MET A 94 26.65 13.18 2.87
CA MET A 94 26.45 12.90 4.28
C MET A 94 26.35 11.37 4.49
N ALA A 95 25.58 10.73 3.62
CA ALA A 95 25.31 9.29 3.69
C ALA A 95 26.57 8.44 3.52
N ASP A 96 27.39 8.76 2.51
CA ASP A 96 28.62 8.02 2.29
C ASP A 96 29.60 8.21 3.46
N ALA A 97 29.71 9.43 3.95
CA ALA A 97 30.63 9.73 5.05
C ALA A 97 30.19 8.98 6.32
N PHE A 98 28.88 8.96 6.57
CA PHE A 98 28.34 8.19 7.69
C PHE A 98 28.79 6.73 7.63
N LYS A 99 28.43 6.05 6.55
CA LYS A 99 28.72 4.63 6.44
C LYS A 99 30.22 4.39 6.50
N SER A 100 30.95 5.22 5.77
CA SER A 100 32.40 5.11 5.70
C SER A 100 33.04 5.28 7.08
N ASP A 101 32.58 6.28 7.83
CA ASP A 101 33.04 6.50 9.19
C ASP A 101 32.62 5.37 10.16
N TYR A 102 31.37 4.91 10.05
CA TYR A 102 30.82 3.87 10.91
C TYR A 102 31.65 2.58 10.88
N PHE A 103 32.12 2.23 9.70
CA PHE A 103 32.82 0.96 9.51
C PHE A 103 34.33 1.14 9.32
N ASN A 104 34.77 2.39 9.19
CA ASN A 104 36.16 2.69 8.80
C ASN A 104 36.56 1.90 7.54
N MET A 105 35.66 1.88 6.57
CA MET A 105 35.86 1.17 5.34
C MET A 105 35.29 2.00 4.20
N PRO A 106 35.78 1.76 2.97
CA PRO A 106 35.09 2.32 1.79
C PRO A 106 33.68 1.73 1.71
N VAL A 107 32.66 2.49 1.32
CA VAL A 107 31.29 1.99 1.52
C VAL A 107 31.01 0.71 0.73
N HIS A 108 31.75 0.49 -0.36
CA HIS A 108 31.45 -0.67 -1.15
C HIS A 108 32.17 -1.91 -0.69
N MET A 109 33.16 -1.77 0.19
CA MET A 109 33.85 -2.98 0.61
C MET A 109 33.22 -3.58 1.86
N VAL A 110 32.14 -2.98 2.36
CA VAL A 110 31.40 -3.59 3.45
C VAL A 110 30.36 -4.57 2.92
N PRO A 111 30.52 -5.85 3.26
CA PRO A 111 29.59 -6.90 2.83
C PRO A 111 28.16 -6.67 3.29
N THR A 112 27.19 -7.03 2.45
CA THR A 112 25.79 -6.87 2.80
C THR A 112 25.44 -7.71 4.04
N GLU A 113 26.05 -8.90 4.13
CA GLU A 113 25.88 -9.79 5.29
C GLU A 113 26.28 -9.10 6.59
N LEU A 114 27.33 -8.28 6.50
CA LEU A 114 27.83 -7.58 7.67
C LEU A 114 26.91 -6.45 8.08
N VAL A 115 26.48 -5.66 7.09
CA VAL A 115 25.57 -4.55 7.36
C VAL A 115 24.28 -5.08 7.97
N GLU A 116 23.83 -6.23 7.46
CA GLU A 116 22.64 -6.89 7.98
C GLU A 116 22.85 -7.28 9.44
N LYS A 117 23.97 -7.96 9.69
CA LYS A 117 24.30 -8.41 11.04
C LYS A 117 24.45 -7.19 11.97
N GLU A 118 25.06 -6.13 11.46
CA GLU A 118 25.28 -4.94 12.29
C GLU A 118 23.99 -4.23 12.60
N PHE A 119 23.09 -4.20 11.61
CA PHE A 119 21.79 -3.57 11.80
C PHE A 119 21.02 -4.23 12.94
N TRP A 120 20.97 -5.55 12.95
CA TRP A 120 20.19 -6.24 13.97
C TRP A 120 20.88 -6.14 15.34
N ARG A 121 22.20 -5.99 15.37
CA ARG A 121 22.87 -5.71 16.64
C ARG A 121 22.51 -4.32 17.19
N LEU A 122 22.62 -3.29 16.35
CA LEU A 122 22.48 -1.92 16.86
C LEU A 122 21.04 -1.59 17.25
N VAL A 123 20.07 -2.10 16.51
CA VAL A 123 18.67 -1.86 16.88
C VAL A 123 18.30 -2.56 18.20
N SER A 124 19.07 -3.58 18.57
CA SER A 124 18.83 -4.40 19.77
C SER A 124 19.43 -3.76 20.99
N THR A 125 20.63 -3.23 20.81
CA THR A 125 21.41 -2.65 21.90
C THR A 125 20.78 -1.36 22.43
N ILE A 126 20.74 -1.25 23.75
CA ILE A 126 20.16 -0.10 24.41
C ILE A 126 21.16 1.05 24.40
N GLU A 127 22.43 0.68 24.48
CA GLU A 127 23.52 1.66 24.56
C GLU A 127 23.58 2.52 23.29
N GLU A 128 23.53 1.85 22.14
CA GLU A 128 23.57 2.55 20.85
C GLU A 128 22.33 3.40 20.66
N ASP A 129 22.52 4.67 20.33
CA ASP A 129 21.42 5.51 19.86
C ASP A 129 21.76 6.14 18.49
N VAL A 130 22.04 5.29 17.53
CA VAL A 130 22.15 5.66 16.13
C VAL A 130 20.85 6.30 15.62
N THR A 131 20.95 7.52 15.10
CA THR A 131 19.82 8.09 14.36
C THR A 131 20.25 8.22 12.91
N VAL A 132 19.33 8.05 11.97
CA VAL A 132 19.67 8.29 10.58
C VAL A 132 18.61 9.15 9.92
N GLU A 133 18.86 9.53 8.67
CA GLU A 133 17.91 10.37 7.92
C GLU A 133 17.59 9.75 6.56
N TYR A 134 16.47 10.16 5.99
CA TYR A 134 16.06 9.61 4.71
C TYR A 134 15.06 10.54 4.06
N GLY A 135 14.79 10.28 2.79
CA GLY A 135 13.73 10.97 2.07
C GLY A 135 12.59 10.02 1.74
N ALA A 136 11.37 10.52 1.89
CA ALA A 136 10.20 9.77 1.49
C ALA A 136 9.14 10.78 1.10
N ASP A 137 8.69 10.75 -0.15
CA ASP A 137 7.65 11.65 -0.60
C ASP A 137 7.14 11.32 -1.98
N ILE A 138 5.91 11.74 -2.23
CA ILE A 138 5.30 11.71 -3.56
C ILE A 138 6.11 12.60 -4.52
N ALA A 139 6.12 12.28 -5.82
CA ALA A 139 6.84 13.11 -6.77
C ALA A 139 6.32 14.54 -6.77
N SER A 140 7.22 15.48 -7.05
CA SER A 140 6.91 16.91 -7.07
C SER A 140 7.87 17.66 -7.99
N LYS A 141 7.61 18.95 -8.22
CA LYS A 141 8.45 19.75 -9.10
C LYS A 141 9.86 19.92 -8.52
N GLU A 142 10.00 19.83 -7.20
CA GLU A 142 11.32 19.93 -6.56
C GLU A 142 12.12 18.63 -6.67
N PHE A 143 11.40 17.53 -6.89
CA PHE A 143 11.99 16.19 -6.94
C PHE A 143 11.00 15.25 -7.65
N GLY A 144 11.26 14.93 -8.92
CA GLY A 144 10.31 14.20 -9.74
C GLY A 144 10.57 12.70 -9.83
N SER A 145 9.71 11.99 -10.54
CA SER A 145 9.89 10.55 -10.79
C SER A 145 11.28 10.22 -11.36
N GLY A 146 11.79 9.04 -11.01
CA GLY A 146 13.01 8.52 -11.59
C GLY A 146 12.83 7.95 -12.99
N PHE A 147 11.57 7.65 -13.35
CA PHE A 147 11.21 7.24 -14.71
C PHE A 147 10.88 8.45 -15.57
N PRO A 148 11.09 8.34 -16.89
CA PRO A 148 10.69 9.43 -17.82
C PRO A 148 9.21 9.73 -17.73
N VAL A 149 8.86 11.00 -17.64
CA VAL A 149 7.47 11.43 -17.77
C VAL A 149 7.32 12.47 -18.89
N ARG A 150 6.09 12.70 -19.33
CA ARG A 150 5.85 13.69 -20.39
C ARG A 150 5.89 15.12 -19.89
N ASP A 151 6.61 15.96 -20.64
CA ASP A 151 6.85 17.37 -20.31
C ASP A 151 7.55 18.09 -21.46
N ILE A 154 10.24 19.76 -21.06
CA ILE A 154 11.54 19.72 -21.72
C ILE A 154 11.58 18.64 -22.82
N LYS A 155 12.74 18.53 -23.47
CA LYS A 155 12.94 17.59 -24.58
C LYS A 155 13.58 16.29 -24.12
N LEU A 156 12.87 15.18 -24.36
CA LEU A 156 13.36 13.86 -23.99
C LEU A 156 14.24 13.26 -25.08
N SER A 157 15.27 12.52 -24.65
CA SER A 157 16.06 11.66 -25.54
C SER A 157 15.16 10.56 -26.12
N PRO A 158 15.57 9.97 -27.26
CA PRO A 158 14.79 8.81 -27.72
C PRO A 158 14.81 7.69 -26.67
N GLU A 159 15.94 7.50 -25.99
CA GLU A 159 16.04 6.50 -24.93
C GLU A 159 14.96 6.73 -23.87
N GLU A 160 14.85 7.96 -23.39
CA GLU A 160 13.78 8.34 -22.47
C GLU A 160 12.38 8.12 -23.05
N GLU A 161 12.19 8.44 -24.33
CA GLU A 161 10.88 8.27 -24.95
C GLU A 161 10.49 6.81 -25.04
N GLU A 162 11.47 5.94 -25.23
CA GLU A 162 11.23 4.50 -25.32
C GLU A 162 10.55 3.95 -24.06
N TYR A 163 10.84 4.55 -22.91
CA TYR A 163 10.35 4.02 -21.65
C TYR A 163 9.15 4.80 -21.14
N LEU A 164 8.67 5.74 -21.94
CA LEU A 164 7.53 6.54 -21.53
C LEU A 164 6.28 5.72 -21.26
N ASP A 165 6.06 4.70 -22.08
CA ASP A 165 4.81 3.95 -22.08
C ASP A 165 4.98 2.55 -21.49
N SER A 166 6.16 2.24 -20.97
CA SER A 166 6.43 0.93 -20.40
C SER A 166 5.46 0.59 -19.28
N GLY A 167 5.02 -0.66 -19.24
CA GLY A 167 4.17 -1.12 -18.16
C GLY A 167 4.93 -1.14 -16.84
N TRP A 168 6.26 -1.19 -16.91
CA TRP A 168 7.11 -1.23 -15.72
C TRP A 168 7.59 0.16 -15.34
N ASN A 169 7.25 1.16 -16.15
CA ASN A 169 7.39 2.54 -15.72
C ASN A 169 6.33 2.77 -14.67
N LEU A 170 6.73 2.95 -13.41
CA LEU A 170 5.76 2.89 -12.32
C LEU A 170 4.75 4.04 -12.34
N ASN A 171 5.07 5.13 -13.03
CA ASN A 171 4.07 6.19 -13.22
C ASN A 171 2.87 5.74 -14.00
N ASN A 172 3.06 4.72 -14.82
CA ASN A 172 1.97 4.22 -15.63
C ASN A 172 1.00 3.33 -14.88
N MET A 173 1.38 2.80 -13.71
CA MET A 173 0.51 1.87 -12.97
C MET A 173 -0.76 2.51 -12.39
N PRO A 174 -0.69 3.74 -11.86
CA PRO A 174 -1.94 4.43 -11.49
C PRO A 174 -2.88 4.77 -12.66
N VAL A 175 -2.51 4.46 -13.90
CA VAL A 175 -3.44 4.65 -15.02
C VAL A 175 -3.63 3.41 -15.91
N MET A 176 -3.00 2.26 -15.61
CA MET A 176 -3.29 1.09 -16.44
C MET A 176 -4.68 0.61 -16.06
N GLU A 177 -5.42 0.11 -17.04
CA GLU A 177 -6.79 -0.34 -16.79
C GLU A 177 -6.81 -1.55 -15.87
N GLN A 178 -5.77 -2.38 -15.97
CA GLN A 178 -5.71 -3.60 -15.19
C GLN A 178 -5.56 -3.34 -13.70
N SER A 179 -5.20 -2.11 -13.32
CA SER A 179 -5.28 -1.68 -11.91
C SER A 179 -6.61 -0.97 -11.67
N VAL A 180 -7.43 -1.60 -10.85
CA VAL A 180 -8.75 -1.11 -10.55
C VAL A 180 -8.67 0.24 -9.79
N LEU A 181 -7.56 0.48 -9.10
CA LEU A 181 -7.28 1.79 -8.46
C LEU A 181 -7.22 2.95 -9.44
N ALA A 182 -7.00 2.65 -10.72
CA ALA A 182 -6.91 3.69 -11.74
C ALA A 182 -8.26 4.36 -11.91
N HIS A 183 -9.31 3.55 -11.87
CA HIS A 183 -10.66 4.02 -12.11
C HIS A 183 -11.16 4.91 -10.98
N ILE A 184 -10.61 4.76 -9.79
CA ILE A 184 -10.94 5.65 -8.67
C ILE A 184 -10.72 7.11 -9.07
N THR A 185 -11.80 7.87 -8.99
CA THR A 185 -11.79 9.27 -9.39
C THR A 185 -11.66 10.17 -8.16
N ALA A 186 -11.51 9.55 -7.00
CA ALA A 186 -11.30 10.29 -5.76
C ALA A 186 -9.82 10.65 -5.55
N ASP A 187 -9.59 11.65 -4.71
CA ASP A 187 -8.22 12.05 -4.36
C ASP A 187 -7.65 11.13 -3.30
N ILE A 188 -6.78 10.23 -3.73
CA ILE A 188 -6.13 9.30 -2.84
C ILE A 188 -4.64 9.30 -3.18
N CYS A 189 -4.11 10.50 -3.37
CA CYS A 189 -2.75 10.74 -3.84
C CYS A 189 -1.71 9.94 -3.07
N GLY A 190 -1.84 9.89 -1.75
CA GLY A 190 -0.97 9.08 -0.91
C GLY A 190 -0.88 7.64 -1.39
N MET A 191 -1.99 7.12 -1.92
CA MET A 191 -2.05 5.72 -2.31
C MET A 191 -1.68 5.41 -3.77
N LYS A 192 -2.27 6.11 -4.73
CA LYS A 192 -2.14 5.74 -6.14
C LYS A 192 -0.97 6.40 -6.87
N LEU A 193 -0.31 7.36 -6.24
CA LEU A 193 0.87 7.98 -6.85
C LEU A 193 2.15 7.35 -6.28
N PRO A 194 3.19 7.24 -7.13
CA PRO A 194 4.46 6.64 -6.69
C PRO A 194 5.16 7.45 -5.62
N TRP A 195 5.71 6.77 -4.63
CA TRP A 195 6.58 7.39 -3.63
C TRP A 195 8.06 7.30 -4.04
N LEU A 196 8.82 8.34 -3.73
CA LEU A 196 10.26 8.35 -3.97
C LEU A 196 11.02 8.20 -2.64
N TYR A 197 11.99 7.30 -2.59
CA TYR A 197 12.73 7.04 -1.35
C TYR A 197 14.22 7.21 -1.56
N VAL A 198 14.78 8.21 -0.90
CA VAL A 198 16.23 8.35 -0.84
C VAL A 198 16.78 7.73 0.45
N GLY A 199 17.63 6.71 0.31
CA GLY A 199 18.13 5.97 1.46
C GLY A 199 19.60 6.22 1.79
N MET A 200 19.93 6.02 3.07
CA MET A 200 21.29 5.87 3.54
C MET A 200 21.41 4.58 4.36
N CYS A 201 22.65 4.21 4.67
CA CYS A 201 22.92 3.01 5.44
C CYS A 201 22.11 2.99 6.75
N PHE A 202 21.34 1.92 6.92
CA PHE A 202 20.52 1.59 8.11
C PHE A 202 19.15 2.26 8.09
N SER A 203 18.90 3.18 7.16
CA SER A 203 17.58 3.83 7.12
C SER A 203 16.57 2.71 6.84
N SER A 204 15.45 2.74 7.56
N SER A 204 15.45 2.73 7.54
CA SER A 204 14.60 1.55 7.65
CA SER A 204 14.64 1.53 7.68
C SER A 204 13.13 1.78 7.37
C SER A 204 13.14 1.73 7.49
N PHE A 205 12.48 0.74 6.90
CA PHE A 205 11.04 0.77 6.81
C PHE A 205 10.53 -0.36 7.72
N CYS A 206 9.71 0.03 8.68
CA CYS A 206 9.14 -0.87 9.68
C CYS A 206 8.15 -1.87 9.09
N TRP A 207 7.88 -2.93 9.84
CA TRP A 207 6.90 -3.94 9.44
C TRP A 207 5.55 -3.29 9.13
N HIS A 208 4.98 -3.64 7.99
CA HIS A 208 3.67 -3.12 7.62
C HIS A 208 3.09 -3.91 6.47
N ILE A 209 1.79 -3.75 6.25
CA ILE A 209 1.17 -4.12 4.97
C ILE A 209 0.62 -2.85 4.34
N GLU A 210 0.28 -2.90 3.06
CA GLU A 210 -0.25 -1.72 2.37
C GLU A 210 -1.70 -1.47 2.72
N ASP A 211 -2.11 -0.20 2.66
CA ASP A 211 -3.50 0.17 2.74
C ASP A 211 -4.36 -0.72 1.85
N HIS A 212 -5.50 -1.16 2.40
CA HIS A 212 -6.50 -1.95 1.68
C HIS A 212 -5.95 -3.29 1.16
N TRP A 213 -4.84 -3.74 1.76
CA TRP A 213 -4.16 -4.99 1.39
C TRP A 213 -3.72 -5.02 -0.08
N SER A 214 -3.40 -3.85 -0.65
CA SER A 214 -2.95 -3.80 -2.05
C SER A 214 -1.57 -4.43 -2.27
N TYR A 215 -1.31 -4.80 -3.53
CA TYR A 215 0.06 -5.11 -3.98
C TYR A 215 0.91 -3.87 -3.88
N SER A 216 2.23 -4.04 -3.84
CA SER A 216 3.09 -2.91 -4.18
C SER A 216 4.24 -3.43 -5.04
N ILE A 217 4.87 -2.50 -5.77
CA ILE A 217 6.04 -2.81 -6.57
C ILE A 217 7.08 -1.70 -6.36
N ASN A 218 8.34 -2.09 -6.24
CA ASN A 218 9.41 -1.18 -5.86
C ASN A 218 10.57 -1.36 -6.82
N TYR A 219 11.08 -0.23 -7.32
CA TYR A 219 12.22 -0.28 -8.22
C TYR A 219 13.39 0.48 -7.62
N LEU A 220 14.54 -0.19 -7.53
CA LEU A 220 15.76 0.48 -7.12
C LEU A 220 16.45 1.09 -8.36
N HIS A 221 16.45 2.42 -8.48
CA HIS A 221 16.98 3.06 -9.68
C HIS A 221 18.50 2.98 -9.71
N TRP A 222 19.13 3.37 -8.59
CA TRP A 222 20.57 3.30 -8.44
C TRP A 222 20.96 3.32 -6.97
N GLY A 223 22.24 3.05 -6.72
CA GLY A 223 22.77 3.07 -5.38
C GLY A 223 23.01 1.68 -4.84
N GLU A 224 23.44 1.65 -3.58
CA GLU A 224 23.67 0.40 -2.87
C GLU A 224 22.35 -0.32 -2.60
N PRO A 225 22.40 -1.63 -2.34
CA PRO A 225 21.14 -2.39 -2.31
C PRO A 225 20.19 -2.03 -1.16
N LYS A 226 18.96 -2.54 -1.28
CA LYS A 226 17.94 -2.43 -0.24
C LYS A 226 17.68 -3.85 0.26
N THR A 227 17.77 -4.07 1.57
CA THR A 227 17.53 -5.41 2.11
C THR A 227 16.09 -5.54 2.59
N TRP A 228 15.41 -6.60 2.14
CA TRP A 228 13.99 -6.84 2.44
C TRP A 228 13.75 -8.06 3.32
N TYR A 229 12.71 -7.99 4.13
CA TYR A 229 12.15 -9.16 4.79
C TYR A 229 10.67 -9.19 4.46
N GLY A 230 10.17 -10.36 4.05
CA GLY A 230 8.79 -10.51 3.62
C GLY A 230 8.11 -11.69 4.30
N VAL A 231 6.81 -11.56 4.53
CA VAL A 231 6.00 -12.63 5.12
C VAL A 231 4.76 -12.85 4.26
N PRO A 232 4.45 -14.12 3.92
CA PRO A 232 3.26 -14.39 3.09
C PRO A 232 1.96 -13.94 3.73
N GLY A 233 1.01 -13.54 2.89
CA GLY A 233 -0.28 -13.06 3.35
C GLY A 233 -1.02 -14.00 4.30
N TYR A 234 -0.84 -15.29 4.14
CA TYR A 234 -1.59 -16.22 4.99
C TYR A 234 -1.13 -16.19 6.44
N ALA A 235 0.07 -15.65 6.67
CA ALA A 235 0.66 -15.63 8.01
C ALA A 235 0.48 -14.28 8.69
N ALA A 236 -0.27 -13.38 8.06
CA ALA A 236 -0.43 -12.02 8.54
C ALA A 236 -0.93 -11.92 10.00
N GLU A 237 -1.99 -12.63 10.35
CA GLU A 237 -2.51 -12.53 11.72
C GLU A 237 -1.59 -13.21 12.73
N GLN A 238 -0.87 -14.22 12.27
CA GLN A 238 0.11 -14.89 13.11
C GLN A 238 1.21 -13.89 13.48
N LEU A 239 1.71 -13.14 12.49
CA LEU A 239 2.69 -12.10 12.75
C LEU A 239 2.14 -11.03 13.70
N GLU A 240 0.87 -10.67 13.50
CA GLU A 240 0.21 -9.69 14.34
C GLU A 240 0.11 -10.17 15.81
N ASN A 241 -0.24 -11.44 16.00
CA ASN A 241 -0.24 -12.03 17.34
C ASN A 241 1.10 -11.93 18.03
N VAL A 242 2.17 -12.25 17.32
CA VAL A 242 3.50 -12.16 17.89
C VAL A 242 3.83 -10.71 18.25
N MET A 243 3.47 -9.77 17.40
CA MET A 243 3.78 -8.37 17.68
C MET A 243 2.90 -7.81 18.80
N LYS A 244 1.66 -8.26 18.89
CA LYS A 244 0.76 -7.82 19.94
C LYS A 244 1.28 -8.28 21.31
N LYS A 245 1.97 -9.41 21.35
CA LYS A 245 2.47 -9.94 22.62
C LYS A 245 3.78 -9.28 23.03
N LEU A 246 4.53 -8.78 22.07
CA LEU A 246 5.84 -8.19 22.36
C LEU A 246 5.82 -6.65 22.34
N ALA A 247 4.83 -6.05 21.68
CA ALA A 247 4.77 -4.59 21.58
C ALA A 247 3.33 -4.06 21.51
N PRO A 248 2.57 -4.22 22.61
CA PRO A 248 1.14 -3.89 22.64
C PRO A 248 0.81 -2.41 22.35
N GLU A 249 1.73 -1.49 22.66
CA GLU A 249 1.52 -0.07 22.45
C GLU A 249 1.29 0.28 20.99
N LEU A 250 1.62 -0.65 20.09
CA LEU A 250 1.37 -0.45 18.66
C LEU A 250 -0.08 -0.73 18.29
N PHE A 251 -0.88 -1.17 19.27
CA PHE A 251 -2.21 -1.65 18.97
C PHE A 251 -3.31 -0.83 19.67
N VAL A 252 -2.92 0.20 20.41
CA VAL A 252 -3.89 1.16 20.91
C VAL A 252 -4.44 1.95 19.70
N SER A 253 -5.77 1.99 19.58
CA SER A 253 -6.41 2.56 18.38
C SER A 253 -6.06 4.04 18.22
N GLN A 254 -6.09 4.52 16.99
CA GLN A 254 -5.56 5.84 16.66
C GLN A 254 -6.66 6.78 16.10
N PRO A 255 -6.52 8.09 16.35
CA PRO A 255 -7.54 9.07 15.95
C PRO A 255 -7.70 9.24 14.43
N ASP A 256 -6.59 9.26 13.69
CA ASP A 256 -6.67 9.45 12.24
C ASP A 256 -5.90 8.34 11.49
N LEU A 257 -6.02 8.29 10.17
CA LEU A 257 -5.31 7.29 9.39
C LEU A 257 -3.78 7.47 9.49
N LEU A 258 -3.28 8.69 9.73
CA LEU A 258 -1.83 8.99 9.76
C LEU A 258 -1.14 9.01 11.12
N HIS A 259 -0.96 7.88 11.77
CA HIS A 259 -1.45 7.77 13.16
C HIS A 259 -1.26 6.27 13.52
N GLN A 260 -1.12 5.47 12.46
CA GLN A 260 -0.63 4.06 12.48
C GLN A 260 0.75 3.99 13.08
N LEU A 261 0.85 3.16 14.09
CA LEU A 261 2.12 2.88 14.71
C LEU A 261 2.74 1.61 14.12
N VAL A 262 4.03 1.66 13.88
CA VAL A 262 4.75 0.52 13.32
C VAL A 262 6.12 0.42 13.96
N THR A 263 6.84 -0.66 13.70
CA THR A 263 8.08 -0.86 14.42
C THR A 263 9.04 -1.79 13.68
N ILE A 264 10.30 -1.73 14.11
CA ILE A 264 11.37 -2.63 13.72
C ILE A 264 11.36 -3.88 14.59
N MET A 265 11.35 -5.06 13.98
CA MET A 265 11.43 -6.29 14.75
C MET A 265 12.26 -7.34 14.01
N ASN A 266 13.24 -7.89 14.72
CA ASN A 266 14.03 -8.99 14.22
C ASN A 266 13.20 -10.12 13.64
N PRO A 267 13.42 -10.45 12.36
CA PRO A 267 12.77 -11.59 11.70
C PRO A 267 12.98 -12.94 12.46
N ASN A 268 14.15 -13.15 13.05
CA ASN A 268 14.41 -14.35 13.87
C ASN A 268 13.38 -14.52 14.98
N THR A 269 12.91 -13.41 15.52
CA THR A 269 11.89 -13.44 16.57
C THR A 269 10.59 -13.99 16.01
N LEU A 270 10.27 -13.57 14.80
CA LEU A 270 9.08 -14.08 14.11
C LEU A 270 9.24 -15.56 13.76
N MET A 271 10.43 -15.91 13.25
CA MET A 271 10.73 -17.29 12.86
C MET A 271 10.71 -18.22 14.07
N THR A 272 11.21 -17.73 15.19
CA THR A 272 11.15 -18.45 16.44
C THR A 272 9.70 -18.79 16.80
N HIS A 273 8.77 -17.93 16.41
CA HIS A 273 7.38 -18.15 16.75
C HIS A 273 6.61 -18.73 15.57
N GLU A 274 7.33 -19.40 14.69
CA GLU A 274 6.76 -20.13 13.55
C GLU A 274 6.08 -19.25 12.48
N VAL A 275 6.46 -17.98 12.41
CA VAL A 275 6.08 -17.14 11.29
C VAL A 275 7.13 -17.27 10.19
N PRO A 276 6.71 -17.74 9.01
CA PRO A 276 7.65 -17.86 7.89
C PRO A 276 8.06 -16.47 7.38
N VAL A 277 9.37 -16.26 7.23
CA VAL A 277 9.95 -15.01 6.77
C VAL A 277 10.93 -15.30 5.62
N TYR A 278 10.96 -14.43 4.62
CA TYR A 278 11.92 -14.55 3.54
C TYR A 278 12.70 -13.25 3.38
N ARG A 279 13.91 -13.33 2.85
CA ARG A 279 14.72 -12.13 2.68
C ARG A 279 15.14 -11.92 1.23
N THR A 280 15.64 -10.72 0.94
CA THR A 280 16.40 -10.48 -0.28
C THR A 280 17.22 -9.18 -0.21
N ASN A 281 18.26 -9.12 -1.03
CA ASN A 281 18.95 -7.88 -1.31
C ASN A 281 18.52 -7.40 -2.68
N GLN A 282 17.76 -6.31 -2.72
CA GLN A 282 17.36 -5.71 -3.98
C GLN A 282 18.48 -4.81 -4.47
N CYS A 283 19.02 -5.12 -5.64
CA CYS A 283 20.11 -4.33 -6.20
C CYS A 283 19.59 -3.34 -7.26
N ALA A 284 20.42 -2.38 -7.63
CA ALA A 284 20.02 -1.38 -8.63
C ALA A 284 19.53 -2.06 -9.90
N GLY A 285 18.37 -1.62 -10.39
CA GLY A 285 17.80 -2.18 -11.59
C GLY A 285 16.91 -3.38 -11.33
N GLU A 286 16.64 -3.69 -10.07
CA GLU A 286 15.74 -4.80 -9.79
C GLU A 286 14.42 -4.34 -9.18
N PHE A 287 13.40 -5.16 -9.38
CA PHE A 287 12.09 -4.91 -8.82
C PHE A 287 11.84 -5.85 -7.63
N VAL A 288 11.16 -5.33 -6.61
CA VAL A 288 10.55 -6.19 -5.61
C VAL A 288 9.04 -6.01 -5.66
N ILE A 289 8.32 -7.13 -5.65
CA ILE A 289 6.87 -7.08 -5.61
C ILE A 289 6.35 -7.65 -4.27
N THR A 290 5.49 -6.90 -3.60
CA THR A 290 4.84 -7.40 -2.39
C THR A 290 3.40 -7.75 -2.71
N PHE A 291 2.97 -8.90 -2.21
CA PHE A 291 1.64 -9.42 -2.49
C PHE A 291 0.61 -9.03 -1.42
N PRO A 292 -0.68 -9.14 -1.74
CA PRO A 292 -1.70 -8.63 -0.82
C PRO A 292 -1.58 -9.18 0.60
N ARG A 293 -1.55 -8.26 1.57
CA ARG A 293 -1.50 -8.56 3.01
C ARG A 293 -0.20 -9.28 3.42
N ALA A 294 0.81 -9.16 2.57
CA ALA A 294 2.15 -9.65 2.89
C ALA A 294 2.94 -8.61 3.66
N TYR A 295 3.27 -8.92 4.91
CA TYR A 295 4.08 -8.04 5.74
C TYR A 295 5.49 -7.94 5.20
N HIS A 296 6.04 -6.74 5.25
CA HIS A 296 7.42 -6.55 4.86
C HIS A 296 8.05 -5.40 5.63
N SER A 297 9.38 -5.43 5.68
CA SER A 297 10.18 -4.41 6.35
C SER A 297 11.57 -4.53 5.77
N GLY A 298 12.47 -3.62 6.11
CA GLY A 298 13.85 -3.76 5.68
C GLY A 298 14.65 -2.50 5.91
N PHE A 299 15.83 -2.42 5.30
CA PHE A 299 16.70 -1.27 5.51
C PHE A 299 17.61 -1.10 4.31
N ASN A 300 18.25 0.06 4.22
CA ASN A 300 19.16 0.30 3.12
C ASN A 300 20.62 0.06 3.48
N GLN A 301 21.36 -0.52 2.54
CA GLN A 301 22.78 -0.77 2.73
C GLN A 301 23.64 0.49 2.66
N GLY A 302 23.07 1.55 2.10
CA GLY A 302 23.81 2.78 1.88
C GLY A 302 23.00 3.71 1.00
N PHE A 303 23.69 4.67 0.39
CA PHE A 303 23.07 5.72 -0.43
C PHE A 303 22.41 5.14 -1.67
N ASN A 304 21.12 5.40 -1.81
CA ASN A 304 20.39 4.82 -2.93
C ASN A 304 19.08 5.55 -3.22
N PHE A 305 18.47 5.19 -4.33
CA PHE A 305 17.26 5.84 -4.77
C PHE A 305 16.26 4.83 -5.33
N ALA A 306 15.10 4.78 -4.69
CA ALA A 306 14.04 3.85 -5.03
C ALA A 306 12.74 4.56 -5.31
N GLU A 307 11.87 3.88 -6.04
CA GLU A 307 10.55 4.41 -6.37
C GLU A 307 9.56 3.26 -6.22
N ALA A 308 8.37 3.55 -5.67
CA ALA A 308 7.41 2.48 -5.38
C ALA A 308 5.99 2.95 -5.46
N VAL A 309 5.11 2.02 -5.85
CA VAL A 309 3.71 2.37 -5.97
C VAL A 309 2.81 1.18 -5.63
N ASN A 310 1.63 1.44 -5.10
CA ASN A 310 0.64 0.40 -4.85
C ASN A 310 -0.15 0.13 -6.10
N PHE A 311 -0.75 -1.05 -6.20
CA PHE A 311 -1.62 -1.32 -7.33
C PHE A 311 -2.55 -2.48 -6.97
N CYS A 312 -3.66 -2.58 -7.70
CA CYS A 312 -4.69 -3.58 -7.40
C CYS A 312 -5.16 -4.31 -8.64
N THR A 313 -4.82 -5.59 -8.74
CA THR A 313 -5.29 -6.42 -9.84
C THR A 313 -6.69 -6.94 -9.54
N VAL A 314 -7.30 -7.61 -10.52
CA VAL A 314 -8.62 -8.22 -10.35
C VAL A 314 -8.62 -9.32 -9.27
N ASP A 315 -7.55 -10.11 -9.22
CA ASP A 315 -7.33 -11.09 -8.17
C ASP A 315 -7.60 -10.50 -6.79
N TRP A 316 -7.31 -9.21 -6.65
CA TRP A 316 -7.31 -8.54 -5.36
C TRP A 316 -8.71 -8.16 -4.88
N LEU A 317 -9.65 -7.94 -5.79
CA LEU A 317 -11.00 -7.47 -5.44
C LEU A 317 -11.66 -8.17 -4.22
N PRO A 318 -11.71 -9.52 -4.19
CA PRO A 318 -12.28 -10.14 -2.99
C PRO A 318 -11.49 -9.84 -1.72
N LEU A 319 -10.16 -9.80 -1.83
CA LEU A 319 -9.33 -9.42 -0.68
C LEU A 319 -9.57 -7.98 -0.27
N GLY A 320 -9.81 -7.13 -1.26
CA GLY A 320 -10.17 -5.74 -1.03
C GLY A 320 -11.44 -5.62 -0.20
N ARG A 321 -12.43 -6.45 -0.50
CA ARG A 321 -13.66 -6.46 0.27
C ARG A 321 -13.39 -6.98 1.70
N GLN A 322 -12.63 -8.08 1.81
CA GLN A 322 -12.27 -8.61 3.14
C GLN A 322 -11.53 -7.60 4.01
N CYS A 323 -10.64 -6.83 3.39
CA CYS A 323 -9.87 -5.85 4.12
C CYS A 323 -10.76 -4.81 4.81
N VAL A 324 -11.77 -4.30 4.10
CA VAL A 324 -12.64 -3.25 4.65
C VAL A 324 -13.55 -3.79 5.77
N GLU A 325 -13.92 -5.06 5.65
CA GLU A 325 -14.64 -5.69 6.73
C GLU A 325 -13.71 -5.75 7.96
N HIS A 326 -12.42 -6.13 7.76
N HIS A 326 -12.46 -6.15 7.79
CA HIS A 326 -11.39 -6.10 8.84
CA HIS A 326 -11.59 -6.19 8.93
C HIS A 326 -11.49 -4.79 9.55
C HIS A 326 -11.34 -4.81 9.53
N TYR A 327 -11.41 -3.76 8.70
CA TYR A 327 -11.22 -2.39 9.15
C TYR A 327 -12.39 -2.00 10.03
N ARG A 328 -13.58 -2.38 9.59
CA ARG A 328 -14.81 -2.16 10.33
CA ARG A 328 -14.79 -2.12 10.37
C ARG A 328 -14.69 -2.78 11.73
N LEU A 329 -14.31 -4.06 11.77
CA LEU A 329 -14.16 -4.78 13.03
C LEU A 329 -13.13 -4.09 13.95
N LEU A 330 -12.07 -3.59 13.36
CA LEU A 330 -11.01 -2.94 14.12
C LEU A 330 -11.21 -1.42 14.28
N HIS A 331 -12.30 -0.89 13.74
CA HIS A 331 -12.58 0.56 13.75
C HIS A 331 -11.43 1.36 13.14
N ARG A 332 -10.75 0.81 12.15
CA ARG A 332 -9.71 1.57 11.45
C ARG A 332 -10.28 2.31 10.23
N TYR A 333 -9.86 3.56 10.06
CA TYR A 333 -10.25 4.37 8.89
C TYR A 333 -9.87 3.74 7.54
N CYS A 334 -10.63 4.11 6.51
CA CYS A 334 -10.43 3.60 5.16
C CYS A 334 -9.75 4.67 4.32
N VAL A 335 -9.03 4.26 3.29
CA VAL A 335 -8.43 5.24 2.42
C VAL A 335 -9.46 5.67 1.36
N PHE A 336 -10.23 4.71 0.88
CA PHE A 336 -11.34 5.00 -0.02
C PHE A 336 -12.47 4.05 0.28
N SER A 337 -13.61 4.25 -0.37
CA SER A 337 -14.70 3.29 -0.33
C SER A 337 -14.53 2.21 -1.40
N HIS A 338 -14.46 0.96 -0.95
CA HIS A 338 -14.39 -0.17 -1.86
C HIS A 338 -15.66 -0.22 -2.74
N ASP A 339 -16.84 -0.14 -2.11
CA ASP A 339 -18.09 -0.16 -2.85
C ASP A 339 -18.22 1.00 -3.83
N GLU A 340 -17.69 2.16 -3.46
CA GLU A 340 -17.79 3.30 -4.34
C GLU A 340 -16.95 3.04 -5.61
N MET A 341 -15.81 2.37 -5.43
CA MET A 341 -14.99 1.93 -6.54
C MET A 341 -15.71 0.92 -7.44
N ILE A 342 -16.27 -0.12 -6.82
CA ILE A 342 -17.04 -1.15 -7.52
C ILE A 342 -18.14 -0.54 -8.40
N CYS A 343 -18.88 0.40 -7.85
CA CYS A 343 -19.97 1.03 -8.59
C CYS A 343 -19.45 1.92 -9.71
N LYS A 344 -18.30 2.56 -9.49
CA LYS A 344 -17.70 3.40 -10.51
C LYS A 344 -17.35 2.54 -11.73
N MET A 345 -16.75 1.39 -11.47
CA MET A 345 -16.43 0.47 -12.55
C MET A 345 -17.68 -0.03 -13.25
N ALA A 346 -18.73 -0.32 -12.47
CA ALA A 346 -19.98 -0.80 -13.07
C ALA A 346 -20.57 0.24 -14.02
N SER A 347 -20.49 1.50 -13.62
CA SER A 347 -20.98 2.61 -14.44
C SER A 347 -20.19 2.80 -15.74
N LYS A 348 -19.02 2.17 -15.83
CA LYS A 348 -18.20 2.25 -17.04
C LYS A 348 -17.99 0.85 -17.59
N ALA A 349 -19.03 0.02 -17.51
CA ALA A 349 -18.90 -1.39 -17.87
C ALA A 349 -18.56 -1.55 -19.35
N ASP A 350 -19.09 -0.68 -20.21
CA ASP A 350 -18.93 -0.81 -21.67
C ASP A 350 -17.47 -0.69 -22.09
N VAL A 351 -16.68 0.06 -21.31
CA VAL A 351 -15.29 0.33 -21.66
C VAL A 351 -14.32 -0.45 -20.77
N LEU A 352 -14.86 -1.42 -20.01
CA LEU A 352 -14.02 -2.24 -19.15
C LEU A 352 -13.42 -3.41 -19.90
N ASP A 353 -12.18 -3.72 -19.55
CA ASP A 353 -11.59 -4.98 -19.94
C ASP A 353 -12.53 -6.10 -19.51
N VAL A 354 -12.76 -7.04 -20.41
CA VAL A 354 -13.74 -8.10 -20.24
C VAL A 354 -13.52 -8.98 -19.00
N VAL A 355 -12.26 -9.32 -18.73
CA VAL A 355 -11.90 -10.12 -17.55
C VAL A 355 -12.15 -9.34 -16.26
N VAL A 356 -11.77 -8.07 -16.29
CA VAL A 356 -12.08 -7.14 -15.22
C VAL A 356 -13.58 -7.09 -14.94
N ALA A 357 -14.39 -6.94 -15.99
CA ALA A 357 -15.83 -6.83 -15.83
C ALA A 357 -16.41 -8.07 -15.15
N SER A 358 -15.78 -9.21 -15.44
CA SER A 358 -16.25 -10.50 -14.93
C SER A 358 -16.06 -10.62 -13.42
N THR A 359 -14.89 -10.17 -12.98
CA THR A 359 -14.46 -10.21 -11.60
C THR A 359 -15.25 -9.20 -10.76
N VAL A 360 -15.38 -7.99 -11.29
CA VAL A 360 -16.18 -6.93 -10.71
C VAL A 360 -17.64 -7.38 -10.54
N GLN A 361 -18.21 -8.01 -11.56
CA GLN A 361 -19.55 -8.54 -11.46
C GLN A 361 -19.71 -9.46 -10.24
N LYS A 362 -18.73 -10.33 -10.01
CA LYS A 362 -18.74 -11.30 -8.91
C LYS A 362 -18.67 -10.60 -7.55
N ASP A 363 -17.81 -9.60 -7.43
CA ASP A 363 -17.78 -8.80 -6.22
C ASP A 363 -19.09 -8.05 -6.03
N MET A 364 -19.66 -7.57 -7.12
CA MET A 364 -20.86 -6.76 -7.00
C MET A 364 -22.04 -7.63 -6.53
N ALA A 365 -22.06 -8.89 -6.93
CA ALA A 365 -23.14 -9.78 -6.53
C ALA A 365 -23.11 -10.01 -5.02
N ILE A 366 -21.91 -10.15 -4.47
CA ILE A 366 -21.75 -10.26 -3.04
C ILE A 366 -22.17 -8.95 -2.37
N MET A 367 -21.74 -7.83 -2.92
CA MET A 367 -22.12 -6.51 -2.39
C MET A 367 -23.63 -6.37 -2.26
N ILE A 368 -24.34 -6.76 -3.31
CA ILE A 368 -25.78 -6.49 -3.40
C ILE A 368 -26.58 -7.39 -2.47
N GLU A 369 -26.24 -8.66 -2.39
CA GLU A 369 -26.95 -9.54 -1.47
C GLU A 369 -26.65 -9.13 -0.02
N ASP A 370 -25.42 -8.71 0.26
CA ASP A 370 -25.08 -8.21 1.60
C ASP A 370 -25.87 -6.95 1.93
N GLU A 371 -26.00 -6.06 0.95
CA GLU A 371 -26.71 -4.81 1.15
C GLU A 371 -28.20 -5.06 1.34
N LYS A 372 -28.72 -6.04 0.59
CA LYS A 372 -30.10 -6.49 0.75
C LYS A 372 -30.39 -6.92 2.20
N ALA A 373 -29.51 -7.76 2.75
CA ALA A 373 -29.76 -8.29 4.07
C ALA A 373 -29.70 -7.19 5.13
N LEU A 374 -28.76 -6.26 4.96
CA LEU A 374 -28.57 -5.16 5.92
C LEU A 374 -29.75 -4.20 5.91
N ARG A 375 -30.38 -4.03 4.75
CA ARG A 375 -31.50 -3.11 4.67
C ARG A 375 -32.73 -3.77 5.28
N GLU A 376 -32.88 -5.07 5.06
CA GLU A 376 -33.95 -5.80 5.73
C GLU A 376 -33.79 -5.72 7.25
N THR A 377 -32.56 -5.83 7.73
CA THR A 377 -32.31 -5.78 9.16
C THR A 377 -32.67 -4.40 9.73
N VAL A 378 -32.23 -3.31 9.09
CA VAL A 378 -32.55 -2.00 9.66
C VAL A 378 -34.04 -1.67 9.57
N ARG A 379 -34.71 -2.11 8.50
CA ARG A 379 -36.15 -1.98 8.42
C ARG A 379 -36.86 -2.65 9.63
N LYS A 380 -36.38 -3.83 10.05
CA LYS A 380 -36.97 -4.51 11.23
C LYS A 380 -36.60 -3.85 12.54
N LEU A 381 -35.66 -2.91 12.48
CA LEU A 381 -35.32 -2.14 13.67
C LEU A 381 -36.17 -0.86 13.76
N GLY A 382 -36.99 -0.60 12.76
CA GLY A 382 -37.93 0.50 12.86
C GLY A 382 -37.60 1.71 12.00
N VAL A 383 -36.47 1.64 11.30
CA VAL A 383 -36.10 2.69 10.35
C VAL A 383 -37.01 2.58 9.14
N ILE A 384 -37.87 3.57 8.96
CA ILE A 384 -38.86 3.50 7.89
C ILE A 384 -38.62 4.53 6.80
N ASP A 385 -38.33 5.74 7.21
CA ASP A 385 -38.10 6.83 6.26
C ASP A 385 -36.79 6.58 5.50
N SER A 386 -36.69 7.11 4.29
CA SER A 386 -35.47 6.97 3.51
C SER A 386 -35.35 8.07 2.43
N GLU A 387 -34.14 8.37 2.00
CA GLU A 387 -33.91 9.33 0.92
C GLU A 387 -32.59 9.02 0.22
N ARG A 388 -32.55 9.19 -1.09
CA ARG A 388 -31.31 8.92 -1.82
C ARG A 388 -30.26 9.92 -1.37
N MET A 389 -29.02 9.46 -1.24
CA MET A 389 -27.97 10.36 -0.85
C MET A 389 -26.72 10.11 -1.70
N ASP A 390 -26.22 11.16 -2.33
CA ASP A 390 -24.99 11.06 -3.13
C ASP A 390 -23.73 11.12 -2.25
N PHE A 391 -23.39 10.00 -1.63
CA PHE A 391 -22.26 9.97 -0.69
C PHE A 391 -20.93 10.44 -1.30
N GLU A 392 -20.76 10.23 -2.61
CA GLU A 392 -19.48 10.52 -3.25
C GLU A 392 -19.16 12.01 -3.18
N LEU A 393 -20.19 12.83 -2.96
CA LEU A 393 -20.05 14.28 -2.87
C LEU A 393 -19.54 14.77 -1.51
N LEU A 394 -19.67 13.94 -0.49
CA LEU A 394 -19.21 14.33 0.83
C LEU A 394 -17.73 14.10 0.96
N PRO A 395 -17.02 15.04 1.61
CA PRO A 395 -15.66 14.75 2.05
C PRO A 395 -15.66 13.50 2.94
N ASP A 396 -14.60 12.69 2.85
CA ASP A 396 -14.56 11.40 3.54
C ASP A 396 -14.76 11.49 5.05
N ASP A 397 -14.22 12.53 5.65
CA ASP A 397 -14.30 12.71 7.09
C ASP A 397 -15.72 13.10 7.46
N GLU A 398 -16.52 13.43 6.46
CA GLU A 398 -17.92 13.80 6.67
C GLU A 398 -18.85 12.59 6.46
N ARG A 399 -18.31 11.43 6.11
CA ARG A 399 -19.18 10.28 5.86
C ARG A 399 -18.67 8.98 6.45
N GLN A 400 -18.02 9.08 7.61
CA GLN A 400 -17.56 7.91 8.34
C GLN A 400 -18.58 7.48 9.38
N CYS A 401 -18.75 6.17 9.55
CA CYS A 401 -19.55 5.60 10.62
C CYS A 401 -18.98 6.00 11.97
N VAL A 402 -19.79 6.68 12.75
CA VAL A 402 -19.37 7.21 14.05
C VAL A 402 -18.81 6.09 14.98
N LYS A 403 -19.31 4.86 14.81
CA LYS A 403 -18.76 3.75 15.60
C LYS A 403 -17.50 3.14 14.98
N CYS A 404 -17.62 2.55 13.79
CA CYS A 404 -16.54 1.74 13.24
C CYS A 404 -15.64 2.51 12.27
N LYS A 405 -15.99 3.77 12.00
CA LYS A 405 -15.17 4.68 11.18
C LYS A 405 -15.14 4.31 9.69
N THR A 406 -15.90 3.30 9.28
CA THR A 406 -15.91 2.93 7.87
C THR A 406 -16.47 4.05 7.01
N THR A 407 -15.95 4.16 5.80
CA THR A 407 -16.41 5.17 4.84
C THR A 407 -17.71 4.72 4.17
N CYS A 408 -18.76 5.51 4.36
CA CYS A 408 -20.06 5.10 3.84
C CYS A 408 -20.23 5.42 2.34
N PHE A 409 -20.94 4.52 1.64
CA PHE A 409 -21.31 4.75 0.25
C PHE A 409 -22.62 4.09 -0.13
N MET A 410 -22.75 2.78 0.08
CA MET A 410 -23.99 2.10 -0.30
C MET A 410 -25.19 2.67 0.49
N SER A 411 -24.98 2.88 1.79
CA SER A 411 -26.03 3.40 2.66
C SER A 411 -25.54 3.78 4.05
N ALA A 412 -26.33 4.59 4.72
CA ALA A 412 -26.05 4.96 6.10
C ALA A 412 -27.36 5.29 6.76
N ILE A 413 -27.33 5.38 8.10
CA ILE A 413 -28.49 5.86 8.87
C ILE A 413 -28.15 7.22 9.46
N SER A 414 -29.10 8.14 9.35
CA SER A 414 -28.98 9.44 9.99
C SER A 414 -30.15 9.62 10.94
N CYS A 415 -30.13 10.71 11.69
CA CYS A 415 -31.16 10.92 12.68
C CYS A 415 -31.26 12.42 12.88
N SER A 416 -32.48 12.95 12.86
CA SER A 416 -32.69 14.39 13.04
C SER A 416 -32.18 14.89 14.40
N CYS A 417 -32.18 13.99 15.40
CA CYS A 417 -31.73 14.29 16.75
C CYS A 417 -30.22 14.56 16.84
N LYS A 418 -29.44 14.00 15.93
CA LYS A 418 -28.01 14.28 15.92
C LYS A 418 -27.53 14.63 14.51
N PRO A 419 -27.74 15.89 14.10
CA PRO A 419 -27.50 16.40 12.74
C PRO A 419 -26.08 16.17 12.24
N GLY A 420 -25.97 15.71 11.00
CA GLY A 420 -24.67 15.49 10.39
C GLY A 420 -23.94 14.22 10.80
N LEU A 421 -24.45 13.48 11.77
CA LEU A 421 -23.82 12.21 12.14
C LEU A 421 -24.33 11.03 11.31
N LEU A 422 -23.47 10.05 11.07
CA LEU A 422 -23.89 8.86 10.33
C LEU A 422 -23.37 7.59 10.99
N VAL A 423 -24.13 6.52 10.85
CA VAL A 423 -23.60 5.20 11.13
C VAL A 423 -23.82 4.29 9.93
N CYS A 424 -22.92 3.35 9.70
CA CYS A 424 -23.22 2.29 8.77
C CYS A 424 -24.31 1.37 9.36
N LEU A 425 -24.82 0.46 8.53
CA LEU A 425 -25.98 -0.34 8.90
C LEU A 425 -25.64 -1.46 9.88
N HIS A 426 -24.36 -1.60 10.21
CA HIS A 426 -23.95 -2.52 11.28
C HIS A 426 -24.10 -1.85 12.63
N HIS A 427 -24.28 -0.53 12.61
CA HIS A 427 -24.19 0.23 13.84
C HIS A 427 -25.36 1.21 14.05
N VAL A 428 -26.52 0.80 13.55
CA VAL A 428 -27.77 1.54 13.76
C VAL A 428 -27.99 1.89 15.23
N LYS A 429 -27.64 0.97 16.11
CA LYS A 429 -27.90 1.16 17.54
C LYS A 429 -26.93 2.18 18.15
N GLU A 430 -25.94 2.63 17.39
CA GLU A 430 -24.90 3.50 17.93
C GLU A 430 -25.03 4.99 17.59
N LEU A 431 -26.16 5.42 17.03
CA LEU A 431 -26.27 6.77 16.49
C LEU A 431 -26.86 7.80 17.47
N CYS A 432 -28.17 7.71 17.72
CA CYS A 432 -28.84 8.60 18.66
C CYS A 432 -29.56 7.73 19.69
N SER A 433 -30.21 8.38 20.66
CA SER A 433 -31.07 7.66 21.61
C SER A 433 -32.53 8.00 21.34
N CYS A 434 -32.82 8.45 20.13
CA CYS A 434 -34.17 8.77 19.73
C CYS A 434 -34.87 7.53 19.17
N PRO A 435 -36.20 7.50 19.18
CA PRO A 435 -36.94 6.33 18.69
C PRO A 435 -36.75 6.12 17.18
N PRO A 436 -36.99 4.88 16.69
CA PRO A 436 -36.54 4.50 15.35
C PRO A 436 -37.16 5.31 14.23
N TYR A 437 -38.35 5.84 14.46
CA TYR A 437 -39.06 6.50 13.38
C TYR A 437 -38.41 7.85 13.06
N LYS A 438 -37.57 8.33 13.95
CA LYS A 438 -36.86 9.57 13.72
C LYS A 438 -35.57 9.31 12.94
N TYR A 439 -35.31 8.06 12.58
CA TYR A 439 -34.11 7.70 11.82
C TYR A 439 -34.41 7.72 10.32
N LYS A 440 -33.39 7.90 9.50
CA LYS A 440 -33.60 7.85 8.06
C LYS A 440 -32.54 6.96 7.37
N LEU A 441 -32.97 6.11 6.46
CA LEU A 441 -32.03 5.38 5.64
C LEU A 441 -31.56 6.28 4.48
N ARG A 442 -30.26 6.57 4.43
CA ARG A 442 -29.68 7.27 3.30
C ARG A 442 -29.02 6.27 2.40
N TYR A 443 -29.47 6.18 1.15
CA TYR A 443 -28.93 5.16 0.26
C TYR A 443 -28.44 5.76 -1.05
N ARG A 444 -27.37 5.22 -1.61
CA ARG A 444 -26.91 5.71 -2.91
C ARG A 444 -27.82 5.20 -4.01
N TYR A 445 -28.08 3.89 -4.00
CA TYR A 445 -28.88 3.23 -5.03
C TYR A 445 -30.01 2.38 -4.44
N THR A 446 -31.08 2.21 -5.22
CA THR A 446 -32.09 1.22 -4.88
C THR A 446 -31.60 -0.12 -5.41
N LEU A 447 -32.16 -1.20 -4.89
CA LEU A 447 -31.83 -2.54 -5.40
C LEU A 447 -32.16 -2.59 -6.88
N ASP A 448 -33.26 -1.95 -7.26
CA ASP A 448 -33.63 -1.82 -8.66
C ASP A 448 -32.60 -1.07 -9.50
N ASP A 449 -31.90 -0.10 -8.90
CA ASP A 449 -30.80 0.58 -9.59
C ASP A 449 -29.63 -0.37 -9.77
N LEU A 450 -29.38 -1.20 -8.76
CA LEU A 450 -28.16 -1.99 -8.69
C LEU A 450 -28.12 -3.19 -9.64
N TYR A 451 -29.22 -3.94 -9.73
CA TYR A 451 -29.25 -5.15 -10.54
C TYR A 451 -28.95 -4.89 -12.03
N PRO A 452 -29.49 -3.82 -12.62
CA PRO A 452 -29.08 -3.50 -14.00
C PRO A 452 -27.61 -3.11 -14.14
N MET A 453 -27.03 -2.51 -13.10
CA MET A 453 -25.64 -2.11 -13.17
C MET A 453 -24.83 -3.37 -13.21
N MET A 454 -25.26 -4.36 -12.44
CA MET A 454 -24.54 -5.62 -12.41
C MET A 454 -24.69 -6.36 -13.75
N ASN A 455 -25.88 -6.32 -14.33
CA ASN A 455 -26.12 -6.97 -15.62
C ASN A 455 -25.33 -6.38 -16.78
N ALA A 456 -25.11 -5.07 -16.77
CA ALA A 456 -24.23 -4.46 -17.76
C ALA A 456 -22.84 -5.12 -17.71
N LEU A 457 -22.32 -5.32 -16.50
CA LEU A 457 -21.06 -6.04 -16.33
C LEU A 457 -21.16 -7.47 -16.86
N LYS A 458 -22.27 -8.15 -16.60
CA LYS A 458 -22.46 -9.51 -17.12
C LYS A 458 -22.40 -9.53 -18.64
N LEU A 459 -23.20 -8.69 -19.28
CA LEU A 459 -23.18 -8.52 -20.73
C LEU A 459 -21.77 -8.27 -21.25
N ARG A 460 -21.04 -7.39 -20.58
CA ARG A 460 -19.71 -7.01 -21.05
C ARG A 460 -18.77 -8.21 -21.02
N ALA A 461 -19.01 -9.12 -20.09
CA ALA A 461 -18.18 -10.32 -19.94
C ALA A 461 -18.66 -11.52 -20.78
N GLU A 462 -19.69 -11.30 -21.61
CA GLU A 462 -20.34 -12.35 -22.42
C GLU A 462 -20.83 -13.48 -21.53
#